data_6NSV
#
_entry.id   6NSV
#
_cell.length_a   46.219
_cell.length_b   71.920
_cell.length_c   77.790
_cell.angle_alpha   90.00
_cell.angle_beta   90.00
_cell.angle_gamma   90.00
#
_symmetry.space_group_name_H-M   'P 2 21 21'
#
loop_
_entity.id
_entity.type
_entity.pdbx_description
1 polymer 'E3 ubiquitin-protein ligase CHIP'
2 polymer ACE-LEU-TRP-TRP-PRO-ASP
3 non-polymer 'CHLORIDE ION'
4 non-polymer 'SODIUM ION'
5 non-polymer 'PENTAETHYLENE GLYCOL'
6 water water
#
loop_
_entity_poly.entity_id
_entity_poly.type
_entity_poly.pdbx_seq_one_letter_code
_entity_poly.pdbx_strand_id
1 'polypeptide(L)'
;SPSAQELKEQGNRLFVGRKYPEAAACYGRAITRNPLVAVYYTNRALCYLKMQQHEQALADCRRALELDGQSVKAHFFLGQ
CQLEMESYDEAIANLQRAYSLAKEQRLNFGDDIPSALRIAKKKRWNSIEE
;
A,B
2 'polypeptide(L)' (ACE)LWWPD C,D
#
loop_
_chem_comp.id
_chem_comp.type
_chem_comp.name
_chem_comp.formula
1PE non-polymer 'PENTAETHYLENE GLYCOL' 'C10 H22 O6'
ACE non-polymer 'ACETYL GROUP' 'C2 H4 O'
CL non-polymer 'CHLORIDE ION' 'Cl -1'
NA non-polymer 'SODIUM ION' 'Na 1'
#
# COMPACT_ATOMS: atom_id res chain seq x y z
N SER A 1 -11.48 25.18 -20.08
CA SER A 1 -10.26 24.53 -20.54
C SER A 1 -9.21 24.53 -19.43
N PRO A 2 -9.23 23.51 -18.58
CA PRO A 2 -8.32 23.50 -17.43
C PRO A 2 -6.86 23.44 -17.84
N SER A 3 -6.04 24.21 -17.12
CA SER A 3 -4.59 24.20 -17.33
C SER A 3 -3.97 22.99 -16.64
N ALA A 4 -2.69 22.77 -16.96
CA ALA A 4 -1.95 21.67 -16.35
C ALA A 4 -2.03 21.75 -14.83
N GLN A 5 -1.74 22.92 -14.28
CA GLN A 5 -1.74 23.09 -12.83
C GLN A 5 -3.11 22.79 -12.27
N GLU A 6 -4.16 23.29 -12.93
CA GLU A 6 -5.54 23.04 -12.47
C GLU A 6 -5.85 21.56 -12.46
N LEU A 7 -5.45 20.84 -13.51
CA LEU A 7 -5.70 19.41 -13.57
C LEU A 7 -4.90 18.65 -12.50
N LYS A 8 -3.66 19.06 -12.25
CA LYS A 8 -2.90 18.44 -11.15
C LYS A 8 -3.68 18.56 -9.85
N GLU A 9 -4.19 19.77 -9.56
CA GLU A 9 -4.90 20.00 -8.31
C GLU A 9 -6.15 19.15 -8.25
N GLN A 10 -6.89 19.05 -9.36
CA GLN A 10 -8.05 18.17 -9.39
C GLN A 10 -7.65 16.72 -9.15
N GLY A 11 -6.56 16.28 -9.79
CA GLY A 11 -6.06 14.94 -9.53
C GLY A 11 -5.72 14.72 -8.07
N ASN A 12 -5.10 15.73 -7.45
CA ASN A 12 -4.82 15.61 -6.01
C ASN A 12 -6.10 15.43 -5.22
N ARG A 13 -7.16 16.16 -5.56
CA ARG A 13 -8.43 16.01 -4.84
C ARG A 13 -9.02 14.61 -5.03
N LEU A 14 -8.93 14.07 -6.24
CA LEU A 14 -9.43 12.71 -6.46
C LEU A 14 -8.59 11.70 -5.69
N PHE A 15 -7.28 11.92 -5.62
CA PHE A 15 -6.42 11.03 -4.87
C PHE A 15 -6.85 10.97 -3.42
N VAL A 16 -7.04 12.14 -2.80
CA VAL A 16 -7.48 12.17 -1.39
C VAL A 16 -8.82 11.49 -1.25
N GLY A 17 -9.68 11.59 -2.27
CA GLY A 17 -10.96 10.90 -2.28
C GLY A 17 -10.88 9.41 -2.61
N ARG A 18 -9.66 8.90 -2.78
CA ARG A 18 -9.42 7.50 -3.06
C ARG A 18 -9.94 7.06 -4.43
N LYS A 19 -9.99 7.99 -5.37
CA LYS A 19 -10.42 7.68 -6.73
C LYS A 19 -9.15 7.59 -7.56
N TYR A 20 -8.46 6.46 -7.46
CA TYR A 20 -7.10 6.40 -7.97
C TYR A 20 -7.01 6.35 -9.48
N PRO A 21 -7.80 5.52 -10.19
CA PRO A 21 -7.74 5.58 -11.66
C PRO A 21 -8.18 6.93 -12.18
N GLU A 22 -9.15 7.57 -11.53
CA GLU A 22 -9.57 8.89 -11.97
C GLU A 22 -8.46 9.92 -11.75
N ALA A 23 -7.79 9.85 -10.61
CA ALA A 23 -6.67 10.73 -10.32
C ALA A 23 -5.53 10.53 -11.32
N ALA A 24 -5.20 9.28 -11.61
CA ALA A 24 -4.16 8.97 -12.61
C ALA A 24 -4.52 9.56 -13.96
N ALA A 25 -5.79 9.45 -14.36
CA ALA A 25 -6.23 10.05 -15.63
C ALA A 25 -6.09 11.55 -15.60
N CYS A 26 -6.44 12.19 -14.48
CA CYS A 26 -6.27 13.64 -14.34
C CYS A 26 -4.80 14.05 -14.49
N TYR A 27 -3.88 13.36 -13.82
CA TYR A 27 -2.47 13.67 -14.01
C TYR A 27 -2.04 13.47 -15.45
N GLY A 28 -2.64 12.50 -16.15
CA GLY A 28 -2.34 12.36 -17.56
C GLY A 28 -2.79 13.57 -18.35
N ARG A 29 -3.99 14.11 -18.03
CA ARG A 29 -4.45 15.35 -18.64
C ARG A 29 -3.50 16.51 -18.36
N ALA A 30 -2.99 16.59 -17.13
CA ALA A 30 -1.99 17.60 -16.79
C ALA A 30 -0.76 17.47 -17.68
N ILE A 31 -0.27 16.23 -17.85
CA ILE A 31 0.88 15.96 -18.70
C ILE A 31 0.62 16.41 -20.13
N THR A 32 -0.60 16.18 -20.62
CA THR A 32 -0.92 16.65 -21.96
C THR A 32 -0.73 18.15 -22.07
N ARG A 33 -1.18 18.90 -21.07
CA ARG A 33 -1.07 20.35 -21.08
C ARG A 33 0.37 20.83 -20.87
N ASN A 34 1.13 20.14 -20.01
CA ASN A 34 2.55 20.48 -19.82
C ASN A 34 3.31 19.21 -19.46
N PRO A 35 3.98 18.59 -20.43
CA PRO A 35 4.64 17.29 -20.19
C PRO A 35 6.04 17.41 -19.62
N LEU A 36 6.45 18.62 -19.25
CA LEU A 36 7.80 18.85 -18.76
C LEU A 36 7.86 19.14 -17.26
N VAL A 37 6.88 18.65 -16.49
CA VAL A 37 6.79 18.87 -15.04
C VAL A 37 6.89 17.52 -14.36
N ALA A 38 8.00 17.29 -13.66
CA ALA A 38 8.25 15.96 -13.11
C ALA A 38 7.17 15.55 -12.12
N VAL A 39 6.66 16.51 -11.33
CA VAL A 39 5.68 16.16 -10.30
C VAL A 39 4.45 15.47 -10.89
N TYR A 40 4.05 15.81 -12.12
CA TYR A 40 2.86 15.12 -12.64
C TYR A 40 3.12 13.64 -12.75
N TYR A 41 4.33 13.26 -13.17
CA TYR A 41 4.67 11.86 -13.34
C TYR A 41 4.84 11.17 -11.99
N THR A 42 5.45 11.84 -11.00
CA THR A 42 5.56 11.12 -9.72
C THR A 42 4.20 11.03 -9.04
N ASN A 43 3.33 12.02 -9.22
CA ASN A 43 1.97 11.89 -8.72
C ASN A 43 1.27 10.69 -9.37
N ARG A 44 1.40 10.54 -10.68
CA ARG A 44 0.73 9.41 -11.34
C ARG A 44 1.35 8.09 -10.91
N ALA A 45 2.67 8.07 -10.72
CA ALA A 45 3.29 6.82 -10.28
C ALA A 45 2.72 6.38 -8.93
N LEU A 46 2.48 7.33 -8.03
CA LEU A 46 1.88 7.01 -6.74
C LEU A 46 0.49 6.38 -6.95
N CYS A 47 -0.32 6.96 -7.82
CA CYS A 47 -1.61 6.34 -8.17
C CYS A 47 -1.42 4.93 -8.67
N TYR A 48 -0.50 4.74 -9.63
CA TYR A 48 -0.28 3.41 -10.16
C TYR A 48 0.13 2.40 -9.06
N LEU A 49 0.91 2.86 -8.07
CA LEU A 49 1.20 1.98 -6.94
C LEU A 49 -0.09 1.57 -6.24
N LYS A 50 -0.98 2.54 -6.00
CA LYS A 50 -2.27 2.23 -5.37
C LYS A 50 -3.11 1.27 -6.21
N MET A 51 -2.86 1.20 -7.51
CA MET A 51 -3.61 0.41 -8.48
C MET A 51 -2.90 -0.88 -8.85
N GLN A 52 -1.79 -1.19 -8.18
CA GLN A 52 -1.03 -2.41 -8.43
C GLN A 52 -0.37 -2.42 -9.81
N GLN A 53 -0.24 -1.27 -10.45
CA GLN A 53 0.35 -1.17 -11.77
C GLN A 53 1.81 -0.76 -11.64
N HIS A 54 2.60 -1.71 -11.16
CA HIS A 54 3.97 -1.42 -10.77
C HIS A 54 4.82 -1.04 -11.95
N GLU A 55 4.67 -1.73 -13.08
CA GLU A 55 5.48 -1.42 -14.25
C GLU A 55 5.16 -0.03 -14.77
N GLN A 56 3.88 0.33 -14.73
CA GLN A 56 3.46 1.66 -15.14
C GLN A 56 4.02 2.72 -14.19
N ALA A 57 3.99 2.46 -12.89
CA ALA A 57 4.59 3.37 -11.93
C ALA A 57 6.07 3.54 -12.20
N LEU A 58 6.76 2.44 -12.48
CA LEU A 58 8.21 2.50 -12.70
C LEU A 58 8.50 3.40 -13.87
N ALA A 59 7.74 3.23 -14.96
CA ALA A 59 7.95 4.05 -16.14
C ALA A 59 7.71 5.53 -15.85
N ASP A 60 6.68 5.86 -15.06
CA ASP A 60 6.47 7.25 -14.69
C ASP A 60 7.63 7.79 -13.85
N CYS A 61 8.19 6.99 -12.94
CA CYS A 61 9.33 7.44 -12.16
C CYS A 61 10.51 7.75 -13.08
N ARG A 62 10.73 6.91 -14.09
CA ARG A 62 11.81 7.18 -15.04
C ARG A 62 11.58 8.50 -15.78
N ARG A 63 10.32 8.77 -16.19
CA ARG A 63 10.03 10.04 -16.85
C ARG A 63 10.31 11.22 -15.93
N ALA A 64 9.89 11.11 -14.67
CA ALA A 64 10.14 12.14 -13.68
C ALA A 64 11.64 12.41 -13.52
N LEU A 65 12.44 11.35 -13.40
CA LEU A 65 13.85 11.52 -13.17
C LEU A 65 14.52 12.16 -14.36
N GLU A 66 14.00 11.95 -15.56
CA GLU A 66 14.56 12.68 -16.70
C GLU A 66 14.35 14.18 -16.56
N LEU A 67 13.28 14.61 -15.91
CA LEU A 67 12.98 16.02 -15.78
C LEU A 67 13.49 16.66 -14.50
N ASP A 68 13.61 15.88 -13.39
CA ASP A 68 14.09 16.37 -12.09
C ASP A 68 14.93 15.24 -11.50
N GLY A 69 16.22 15.25 -11.77
CA GLY A 69 17.07 14.19 -11.28
C GLY A 69 17.23 14.20 -9.78
N GLN A 70 16.83 15.28 -9.11
CA GLN A 70 16.94 15.38 -7.66
C GLN A 70 15.66 14.99 -6.93
N SER A 71 14.66 14.48 -7.66
CA SER A 71 13.35 14.22 -7.04
C SER A 71 13.45 13.15 -5.96
N VAL A 72 13.21 13.53 -4.71
CA VAL A 72 13.14 12.53 -3.64
C VAL A 72 12.01 11.54 -3.91
N LYS A 73 10.82 12.04 -4.21
CA LYS A 73 9.68 11.15 -4.39
C LYS A 73 9.88 10.22 -5.57
N ALA A 74 10.52 10.68 -6.65
CA ALA A 74 10.77 9.78 -7.75
C ALA A 74 11.65 8.60 -7.34
N HIS A 75 12.72 8.86 -6.57
CA HIS A 75 13.54 7.74 -6.12
C HIS A 75 12.79 6.87 -5.12
N PHE A 76 12.01 7.47 -4.24
CA PHE A 76 11.30 6.71 -3.21
C PHE A 76 10.25 5.80 -3.85
N PHE A 77 9.44 6.36 -4.73
CA PHE A 77 8.44 5.54 -5.43
C PHE A 77 9.11 4.49 -6.31
N LEU A 78 10.25 4.80 -6.92
CA LEU A 78 10.94 3.78 -7.68
C LEU A 78 11.34 2.61 -6.79
N GLY A 79 11.89 2.94 -5.62
CA GLY A 79 12.30 1.90 -4.69
C GLY A 79 11.11 1.07 -4.23
N GLN A 80 9.97 1.72 -3.99
CA GLN A 80 8.75 1.01 -3.62
C GLN A 80 8.28 0.09 -4.74
N CYS A 81 8.37 0.55 -5.99
CA CYS A 81 8.03 -0.32 -7.13
C CYS A 81 8.93 -1.54 -7.13
N GLN A 82 10.24 -1.32 -7.04
CA GLN A 82 11.20 -2.39 -7.13
C GLN A 82 11.06 -3.35 -5.97
N LEU A 83 10.71 -2.84 -4.79
CA LEU A 83 10.42 -3.67 -3.63
C LEU A 83 9.27 -4.64 -3.92
N GLU A 84 8.17 -4.12 -4.46
CA GLU A 84 7.05 -5.00 -4.77
CA GLU A 84 7.05 -5.00 -4.77
C GLU A 84 7.37 -5.94 -5.92
N MET A 85 8.29 -5.57 -6.81
CA MET A 85 8.69 -6.44 -7.91
C MET A 85 9.88 -7.33 -7.53
N GLU A 86 10.25 -7.35 -6.26
CA GLU A 86 11.29 -8.22 -5.73
C GLU A 86 12.69 -7.93 -6.29
N SER A 87 12.94 -6.71 -6.75
CA SER A 87 14.29 -6.25 -7.12
C SER A 87 14.90 -5.54 -5.90
N TYR A 88 15.32 -6.35 -4.93
CA TYR A 88 15.64 -5.79 -3.62
C TYR A 88 16.89 -4.94 -3.64
N ASP A 89 17.91 -5.35 -4.40
CA ASP A 89 19.15 -4.59 -4.40
C ASP A 89 18.93 -3.20 -5.00
N GLU A 90 18.17 -3.12 -6.08
CA GLU A 90 17.86 -1.83 -6.68
C GLU A 90 16.95 -1.03 -5.75
N ALA A 91 15.99 -1.70 -5.11
CA ALA A 91 15.12 -0.99 -4.19
C ALA A 91 15.92 -0.32 -3.08
N ILE A 92 16.90 -1.03 -2.53
CA ILE A 92 17.68 -0.48 -1.44
C ILE A 92 18.44 0.73 -1.90
N ALA A 93 19.04 0.63 -3.09
CA ALA A 93 19.81 1.74 -3.66
C ALA A 93 18.95 2.98 -3.85
N ASN A 94 17.74 2.81 -4.40
CA ASN A 94 16.88 3.96 -4.63
C ASN A 94 16.33 4.54 -3.35
N LEU A 95 16.02 3.70 -2.36
CA LEU A 95 15.56 4.20 -1.07
C LEU A 95 16.67 4.93 -0.33
N GLN A 96 17.92 4.43 -0.39
CA GLN A 96 19.07 5.13 0.21
C GLN A 96 19.28 6.47 -0.48
N ARG A 97 19.13 6.49 -1.80
CA ARG A 97 19.28 7.73 -2.54
C ARG A 97 18.19 8.73 -2.15
N ALA A 98 16.94 8.27 -2.05
CA ALA A 98 15.88 9.10 -1.50
C ALA A 98 16.24 9.68 -0.14
N TYR A 99 16.79 8.86 0.75
CA TYR A 99 17.18 9.35 2.06
C TYR A 99 18.22 10.45 1.93
N SER A 100 19.26 10.21 1.13
CA SER A 100 20.36 11.17 1.03
C SER A 100 19.86 12.47 0.42
N LEU A 101 19.02 12.36 -0.60
CA LEU A 101 18.50 13.55 -1.25
C LEU A 101 17.61 14.34 -0.30
N ALA A 102 16.80 13.64 0.50
CA ALA A 102 15.94 14.35 1.44
C ALA A 102 16.77 15.08 2.48
N LYS A 103 17.86 14.46 2.93
CA LYS A 103 18.78 15.14 3.84
C LYS A 103 19.39 16.35 3.17
N GLU A 104 19.86 16.18 1.93
CA GLU A 104 20.49 17.29 1.21
C GLU A 104 19.52 18.46 1.05
N GLN A 105 18.24 18.16 0.85
CA GLN A 105 17.19 19.15 0.63
C GLN A 105 16.50 19.59 1.91
N ARG A 106 16.95 19.10 3.07
CA ARG A 106 16.39 19.53 4.35
C ARG A 106 14.89 19.26 4.42
N LEU A 107 14.49 18.11 3.89
CA LEU A 107 13.11 17.64 3.97
C LEU A 107 12.98 16.65 5.12
N ASN A 108 11.90 16.77 5.88
CA ASN A 108 11.67 15.89 7.03
C ASN A 108 10.43 15.06 6.75
N PHE A 109 10.63 13.77 6.49
CA PHE A 109 9.54 12.82 6.31
C PHE A 109 9.45 11.84 7.50
N GLY A 110 9.89 12.26 8.68
CA GLY A 110 9.88 11.34 9.80
C GLY A 110 10.67 10.09 9.48
N ASP A 111 10.18 8.96 9.97
CA ASP A 111 10.88 7.69 9.82
C ASP A 111 10.48 6.95 8.55
N ASP A 112 9.80 7.63 7.61
CA ASP A 112 9.22 6.92 6.49
C ASP A 112 10.29 6.31 5.59
N ILE A 113 11.38 7.02 5.36
CA ILE A 113 12.39 6.45 4.47
C ILE A 113 13.18 5.38 5.20
N PRO A 114 13.65 5.61 6.42
CA PRO A 114 14.30 4.52 7.16
C PRO A 114 13.45 3.27 7.29
N SER A 115 12.12 3.43 7.46
CA SER A 115 11.24 2.28 7.62
C SER A 115 11.24 1.43 6.36
N ALA A 116 11.09 2.09 5.21
CA ALA A 116 11.09 1.39 3.93
C ALA A 116 12.41 0.68 3.72
N LEU A 117 13.51 1.33 4.12
CA LEU A 117 14.82 0.72 3.95
C LEU A 117 14.93 -0.59 4.71
N ARG A 118 14.43 -0.61 5.95
CA ARG A 118 14.50 -1.83 6.76
C ARG A 118 13.70 -2.96 6.13
N ILE A 119 12.54 -2.64 5.54
CA ILE A 119 11.78 -3.66 4.82
C ILE A 119 12.60 -4.24 3.69
N ALA A 120 13.20 -3.38 2.86
CA ALA A 120 13.92 -3.90 1.71
C ALA A 120 15.11 -4.75 2.14
N LYS A 121 15.81 -4.35 3.21
CA LYS A 121 16.91 -5.16 3.71
C LYS A 121 16.39 -6.46 4.33
N LYS A 122 15.34 -6.38 5.13
CA LYS A 122 14.69 -7.53 5.77
C LYS A 122 14.19 -8.48 4.70
N LYS A 123 13.46 -7.95 3.70
CA LYS A 123 12.95 -8.77 2.61
C LYS A 123 14.09 -9.36 1.79
N ARG A 124 15.11 -8.55 1.48
CA ARG A 124 16.29 -9.07 0.79
C ARG A 124 16.86 -10.25 1.54
N TRP A 125 16.97 -10.13 2.86
CA TRP A 125 17.49 -11.22 3.67
C TRP A 125 16.52 -12.40 3.70
N ASN A 126 15.23 -12.12 3.94
CA ASN A 126 14.25 -13.20 4.01
C ASN A 126 14.20 -13.97 2.70
N SER A 127 14.45 -13.30 1.57
CA SER A 127 14.61 -14.00 0.30
C SER A 127 15.88 -14.84 0.27
N ILE A 128 16.86 -14.52 1.10
CA ILE A 128 18.11 -15.28 1.18
C ILE A 128 17.98 -16.36 2.24
N SER B 1 0.32 -6.52 34.72
CA SER B 1 0.66 -6.85 33.34
C SER B 1 -0.44 -6.31 32.43
N PRO B 2 -0.07 -5.85 31.22
CA PRO B 2 -1.09 -5.29 30.32
C PRO B 2 -2.06 -6.36 29.83
N SER B 3 -3.33 -6.01 29.77
CA SER B 3 -4.34 -6.93 29.29
C SER B 3 -4.25 -7.02 27.77
N ALA B 4 -4.93 -8.04 27.23
CA ALA B 4 -4.95 -8.22 25.78
C ALA B 4 -5.51 -6.98 25.10
N GLN B 5 -6.64 -6.46 25.60
CA GLN B 5 -7.21 -5.25 25.02
C GLN B 5 -6.23 -4.09 25.05
N GLU B 6 -5.55 -3.89 26.19
CA GLU B 6 -4.57 -2.81 26.31
C GLU B 6 -3.43 -2.97 25.31
N LEU B 7 -2.98 -4.20 25.11
CA LEU B 7 -1.92 -4.45 24.15
C LEU B 7 -2.39 -4.21 22.73
N LYS B 8 -3.62 -4.63 22.40
CA LYS B 8 -4.20 -4.27 21.10
C LYS B 8 -4.22 -2.77 20.90
N GLU B 9 -4.61 -2.01 21.91
CA GLU B 9 -4.69 -0.56 21.76
C GLU B 9 -3.30 0.04 21.59
N GLN B 10 -2.31 -0.50 22.31
CA GLN B 10 -0.94 -0.09 22.10
C GLN B 10 -0.52 -0.33 20.65
N GLY B 11 -0.87 -1.50 20.12
CA GLY B 11 -0.55 -1.77 18.73
C GLY B 11 -1.21 -0.78 17.79
N ASN B 12 -2.48 -0.44 18.04
CA ASN B 12 -3.18 0.52 17.17
C ASN B 12 -2.47 1.88 17.19
N ARG B 13 -2.05 2.34 18.38
CA ARG B 13 -1.34 3.60 18.48
C ARG B 13 -0.04 3.55 17.67
N LEU B 14 0.67 2.42 17.72
CA LEU B 14 1.91 2.29 16.97
C LEU B 14 1.64 2.23 15.47
N PHE B 15 0.54 1.59 15.08
CA PHE B 15 0.15 1.55 13.67
C PHE B 15 -0.10 2.95 13.12
N VAL B 16 -0.89 3.76 13.85
CA VAL B 16 -1.14 5.13 13.41
C VAL B 16 0.16 5.91 13.34
N GLY B 17 1.11 5.59 14.21
CA GLY B 17 2.40 6.24 14.16
C GLY B 17 3.34 5.71 13.10
N ARG B 18 2.86 4.77 12.29
CA ARG B 18 3.63 4.15 11.21
C ARG B 18 4.84 3.37 11.72
N LYS B 19 4.68 2.79 12.90
CA LYS B 19 5.67 1.86 13.47
C LYS B 19 5.11 0.44 13.38
N TYR B 20 5.24 -0.14 12.20
CA TYR B 20 4.46 -1.33 11.85
C TYR B 20 5.08 -2.58 12.45
N PRO B 21 6.41 -2.76 12.44
CA PRO B 21 6.94 -3.94 13.14
C PRO B 21 6.63 -3.92 14.62
N GLU B 22 6.75 -2.73 15.23
CA GLU B 22 6.40 -2.56 16.63
C GLU B 22 4.92 -2.86 16.86
N ALA B 23 4.06 -2.35 16.00
CA ALA B 23 2.63 -2.64 16.16
C ALA B 23 2.35 -4.13 16.03
N ALA B 24 2.96 -4.77 15.03
CA ALA B 24 2.76 -6.21 14.84
C ALA B 24 3.19 -6.98 16.08
N ALA B 25 4.30 -6.59 16.70
CA ALA B 25 4.72 -7.26 17.92
C ALA B 25 3.72 -7.07 19.05
N CYS B 26 3.14 -5.88 19.17
CA CYS B 26 2.12 -5.66 20.19
C CYS B 26 0.91 -6.54 19.95
N TYR B 27 0.48 -6.68 18.69
CA TYR B 27 -0.63 -7.61 18.41
C TYR B 27 -0.26 -9.04 18.76
N GLY B 28 0.99 -9.46 18.49
CA GLY B 28 1.48 -10.73 18.98
C GLY B 28 1.33 -10.88 20.49
N ARG B 29 1.68 -9.83 21.24
CA ARG B 29 1.55 -9.91 22.69
C ARG B 29 0.08 -10.03 23.10
N ALA B 30 -0.82 -9.32 22.41
CA ALA B 30 -2.24 -9.48 22.64
C ALA B 30 -2.68 -10.92 22.41
N ILE B 31 -2.21 -11.52 21.32
CA ILE B 31 -2.51 -12.92 21.02
C ILE B 31 -2.03 -13.83 22.15
N THR B 32 -0.84 -13.57 22.69
CA THR B 32 -0.36 -14.37 23.81
C THR B 32 -1.33 -14.32 24.97
N ARG B 33 -1.87 -13.14 25.27
CA ARG B 33 -2.82 -13.00 26.36
C ARG B 33 -4.19 -13.59 26.04
N ASN B 34 -4.62 -13.50 24.79
CA ASN B 34 -5.86 -14.12 24.36
C ASN B 34 -5.76 -14.50 22.91
N PRO B 35 -5.48 -15.76 22.58
CA PRO B 35 -5.27 -16.14 21.18
C PRO B 35 -6.54 -16.46 20.42
N LEU B 36 -7.71 -16.20 21.01
CA LEU B 36 -8.99 -16.57 20.44
C LEU B 36 -9.76 -15.41 19.84
N VAL B 37 -9.10 -14.26 19.65
CA VAL B 37 -9.73 -13.04 19.16
C VAL B 37 -9.26 -12.80 17.73
N ALA B 38 -10.19 -12.91 16.77
CA ALA B 38 -9.82 -12.83 15.36
C ALA B 38 -9.20 -11.49 15.00
N VAL B 39 -9.71 -10.40 15.61
CA VAL B 39 -9.24 -9.04 15.30
C VAL B 39 -7.73 -8.91 15.51
N TYR B 40 -7.16 -9.57 16.53
CA TYR B 40 -5.72 -9.40 16.70
C TYR B 40 -4.98 -9.90 15.47
N TYR B 41 -5.47 -10.97 14.85
CA TYR B 41 -4.79 -11.55 13.70
C TYR B 41 -5.00 -10.70 12.46
N THR B 42 -6.22 -10.19 12.25
CA THR B 42 -6.40 -9.31 11.10
C THR B 42 -5.65 -7.99 11.27
N ASN B 43 -5.59 -7.46 12.49
CA ASN B 43 -4.78 -6.27 12.73
C ASN B 43 -3.32 -6.55 12.39
N ARG B 44 -2.81 -7.71 12.83
CA ARG B 44 -1.42 -8.03 12.52
C ARG B 44 -1.24 -8.26 11.03
N ALA B 45 -2.22 -8.86 10.37
CA ALA B 45 -2.08 -9.08 8.94
C ALA B 45 -1.96 -7.75 8.20
N LEU B 46 -2.72 -6.74 8.63
CA LEU B 46 -2.59 -5.40 8.03
C LEU B 46 -1.18 -4.86 8.22
N CYS B 47 -0.61 -5.01 9.43
CA CYS B 47 0.78 -4.63 9.65
C CYS B 47 1.69 -5.33 8.66
N TYR B 48 1.50 -6.65 8.51
CA TYR B 48 2.34 -7.41 7.58
C TYR B 48 2.21 -6.89 6.15
N LEU B 49 1.02 -6.47 5.73
CA LEU B 49 0.90 -5.90 4.40
C LEU B 49 1.75 -4.64 4.29
N LYS B 50 1.72 -3.80 5.33
CA LYS B 50 2.53 -2.61 5.35
C LYS B 50 4.03 -2.91 5.36
N MET B 51 4.42 -4.09 5.82
CA MET B 51 5.80 -4.53 5.89
C MET B 51 6.21 -5.43 4.74
N GLN B 52 5.37 -5.59 3.72
CA GLN B 52 5.64 -6.42 2.54
C GLN B 52 5.75 -7.90 2.86
N GLN B 53 5.28 -8.34 4.02
CA GLN B 53 5.39 -9.74 4.41
C GLN B 53 4.07 -10.44 4.07
N HIS B 54 3.89 -10.68 2.77
CA HIS B 54 2.57 -11.12 2.28
C HIS B 54 2.24 -12.54 2.75
N GLU B 55 3.23 -13.42 2.83
CA GLU B 55 2.97 -14.79 3.27
C GLU B 55 2.54 -14.81 4.72
N GLN B 56 3.18 -13.97 5.54
CA GLN B 56 2.81 -13.86 6.95
C GLN B 56 1.42 -13.23 7.11
N ALA B 57 1.09 -12.22 6.30
CA ALA B 57 -0.26 -11.66 6.35
C ALA B 57 -1.29 -12.72 6.00
N LEU B 58 -1.00 -13.54 5.00
CA LEU B 58 -1.98 -14.54 4.58
C LEU B 58 -2.20 -15.55 5.69
N ALA B 59 -1.11 -15.99 6.32
CA ALA B 59 -1.23 -16.92 7.44
C ALA B 59 -2.10 -16.35 8.54
N ASP B 60 -1.97 -15.05 8.84
CA ASP B 60 -2.78 -14.44 9.90
C ASP B 60 -4.25 -14.34 9.49
N CYS B 61 -4.52 -14.02 8.23
CA CYS B 61 -5.89 -14.05 7.76
C CYS B 61 -6.51 -15.43 7.94
N ARG B 62 -5.75 -16.49 7.61
CA ARG B 62 -6.26 -17.84 7.80
C ARG B 62 -6.57 -18.09 9.27
N ARG B 63 -5.67 -17.67 10.18
CA ARG B 63 -5.95 -17.83 11.61
C ARG B 63 -7.22 -17.07 12.00
N ALA B 64 -7.38 -15.85 11.51
CA ALA B 64 -8.56 -15.07 11.81
C ALA B 64 -9.80 -15.79 11.34
N LEU B 65 -9.78 -16.31 10.11
CA LEU B 65 -10.97 -16.95 9.56
C LEU B 65 -11.34 -18.24 10.30
N GLU B 66 -10.39 -18.94 10.92
CA GLU B 66 -10.71 -20.10 11.74
C GLU B 66 -11.51 -19.71 12.97
N LEU B 67 -11.29 -18.50 13.47
CA LEU B 67 -11.97 -17.99 14.65
C LEU B 67 -13.23 -17.22 14.33
N ASP B 68 -13.29 -16.53 13.19
CA ASP B 68 -14.46 -15.74 12.81
C ASP B 68 -14.61 -15.84 11.29
N GLY B 69 -15.42 -16.81 10.85
CA GLY B 69 -15.60 -17.03 9.45
C GLY B 69 -16.35 -15.93 8.75
N GLN B 70 -16.98 -15.03 9.50
CA GLN B 70 -17.76 -13.94 8.94
C GLN B 70 -16.97 -12.65 8.82
N SER B 71 -15.66 -12.70 9.05
CA SER B 71 -14.88 -11.47 9.17
C SER B 71 -14.69 -10.80 7.82
N VAL B 72 -15.27 -9.61 7.66
CA VAL B 72 -15.07 -8.82 6.46
C VAL B 72 -13.59 -8.53 6.25
N LYS B 73 -12.93 -8.04 7.29
CA LYS B 73 -11.53 -7.62 7.15
C LYS B 73 -10.62 -8.77 6.81
N ALA B 74 -10.83 -9.93 7.43
CA ALA B 74 -10.01 -11.08 7.08
C ALA B 74 -10.13 -11.43 5.61
N HIS B 75 -11.35 -11.40 5.06
CA HIS B 75 -11.47 -11.70 3.65
C HIS B 75 -10.85 -10.60 2.81
N PHE B 76 -11.04 -9.35 3.21
CA PHE B 76 -10.54 -8.23 2.42
C PHE B 76 -9.01 -8.21 2.43
N PHE B 77 -8.41 -8.35 3.60
CA PHE B 77 -6.95 -8.39 3.65
C PHE B 77 -6.40 -9.64 2.96
N LEU B 78 -7.12 -10.74 3.03
CA LEU B 78 -6.68 -11.95 2.34
C LEU B 78 -6.67 -11.68 0.86
N GLY B 79 -7.72 -11.06 0.37
CA GLY B 79 -7.78 -10.72 -1.03
C GLY B 79 -6.65 -9.80 -1.46
N GLN B 80 -6.32 -8.81 -0.61
CA GLN B 80 -5.21 -7.90 -0.90
C GLN B 80 -3.87 -8.62 -0.90
N CYS B 81 -3.66 -9.54 0.04
CA CYS B 81 -2.49 -10.40 0.00
C CYS B 81 -2.38 -11.12 -1.33
N GLN B 82 -3.44 -11.81 -1.71
CA GLN B 82 -3.39 -12.65 -2.89
C GLN B 82 -3.17 -11.80 -4.13
N LEU B 83 -3.71 -10.58 -4.14
CA LEU B 83 -3.49 -9.66 -5.25
C LEU B 83 -2.01 -9.32 -5.40
N GLU B 84 -1.33 -9.03 -4.29
CA GLU B 84 0.10 -8.77 -4.38
CA GLU B 84 0.11 -8.76 -4.38
C GLU B 84 0.89 -10.01 -4.76
N MET B 85 0.42 -11.19 -4.36
CA MET B 85 1.06 -12.46 -4.74
C MET B 85 0.63 -12.99 -6.10
N GLU B 86 -0.15 -12.21 -6.86
CA GLU B 86 -0.52 -12.55 -8.24
C GLU B 86 -1.46 -13.75 -8.33
N SER B 87 -2.24 -14.02 -7.28
CA SER B 87 -3.28 -15.05 -7.28
C SER B 87 -4.59 -14.32 -7.50
N TYR B 88 -4.84 -13.92 -8.76
CA TYR B 88 -5.89 -12.94 -9.01
C TYR B 88 -7.29 -13.51 -8.84
N ASP B 89 -7.51 -14.74 -9.28
CA ASP B 89 -8.85 -15.30 -9.16
C ASP B 89 -9.23 -15.47 -7.69
N GLU B 90 -8.29 -15.94 -6.87
CA GLU B 90 -8.56 -16.03 -5.44
C GLU B 90 -8.81 -14.66 -4.85
N ALA B 91 -8.03 -13.67 -5.27
CA ALA B 91 -8.18 -12.35 -4.71
C ALA B 91 -9.57 -11.79 -4.99
N ILE B 92 -10.00 -11.87 -6.24
CA ILE B 92 -11.32 -11.38 -6.61
C ILE B 92 -12.40 -12.09 -5.79
N ALA B 93 -12.26 -13.40 -5.63
CA ALA B 93 -13.25 -14.15 -4.84
C ALA B 93 -13.32 -13.65 -3.40
N ASN B 94 -12.16 -13.39 -2.79
CA ASN B 94 -12.18 -12.91 -1.41
C ASN B 94 -12.68 -11.47 -1.29
N LEU B 95 -12.33 -10.61 -2.25
CA LEU B 95 -12.86 -9.25 -2.23
C LEU B 95 -14.36 -9.25 -2.48
N GLN B 96 -14.86 -10.10 -3.39
CA GLN B 96 -16.29 -10.24 -3.59
C GLN B 96 -16.95 -10.73 -2.30
N ARG B 97 -16.30 -11.69 -1.63
CA ARG B 97 -16.84 -12.18 -0.37
C ARG B 97 -16.85 -11.09 0.69
N ALA B 98 -15.78 -10.31 0.78
CA ALA B 98 -15.79 -9.19 1.72
C ALA B 98 -16.95 -8.24 1.45
N TYR B 99 -17.21 -7.96 0.17
CA TYR B 99 -18.29 -7.03 -0.17
C TYR B 99 -19.62 -7.59 0.30
N SER B 100 -19.86 -8.87 0.01
CA SER B 100 -21.12 -9.51 0.39
C SER B 100 -21.28 -9.57 1.90
N LEU B 101 -20.20 -9.86 2.62
CA LEU B 101 -20.31 -9.92 4.08
C LEU B 101 -20.54 -8.53 4.67
N ALA B 102 -19.89 -7.52 4.10
CA ALA B 102 -20.10 -6.16 4.58
C ALA B 102 -21.55 -5.74 4.41
N LYS B 103 -22.17 -6.07 3.27
CA LYS B 103 -23.56 -5.70 3.07
C LYS B 103 -24.48 -6.49 4.01
N GLU B 104 -24.17 -7.77 4.23
CA GLU B 104 -24.93 -8.56 5.19
C GLU B 104 -24.86 -7.96 6.58
N GLN B 105 -23.71 -7.37 6.94
CA GLN B 105 -23.45 -6.79 8.23
C GLN B 105 -23.74 -5.29 8.29
N ARG B 106 -24.23 -4.70 7.20
CA ARG B 106 -24.60 -3.28 7.18
C ARG B 106 -23.41 -2.38 7.54
N LEU B 107 -22.23 -2.78 7.07
CA LEU B 107 -21.03 -1.99 7.24
C LEU B 107 -20.82 -1.12 6.00
N ASN B 108 -20.50 0.14 6.22
CA ASN B 108 -20.23 1.06 5.12
C ASN B 108 -18.75 1.39 5.11
N PHE B 109 -18.06 0.94 4.06
CA PHE B 109 -16.71 1.38 3.76
C PHE B 109 -16.68 2.18 2.47
N GLY B 110 -17.78 2.87 2.17
CA GLY B 110 -17.89 3.63 0.94
C GLY B 110 -17.55 2.76 -0.26
N ASP B 111 -16.72 3.30 -1.15
CA ASP B 111 -16.32 2.61 -2.37
C ASP B 111 -15.03 1.82 -2.20
N ASP B 112 -14.57 1.60 -0.95
CA ASP B 112 -13.30 0.93 -0.75
C ASP B 112 -13.29 -0.49 -1.31
N ILE B 113 -14.36 -1.24 -1.12
CA ILE B 113 -14.34 -2.62 -1.60
C ILE B 113 -14.54 -2.68 -3.12
N PRO B 114 -15.54 -1.98 -3.68
CA PRO B 114 -15.67 -1.99 -5.14
C PRO B 114 -14.45 -1.44 -5.85
N SER B 115 -13.78 -0.44 -5.25
CA SER B 115 -12.54 0.08 -5.82
C SER B 115 -11.51 -1.03 -5.90
N ALA B 116 -11.31 -1.75 -4.80
CA ALA B 116 -10.31 -2.82 -4.79
C ALA B 116 -10.66 -3.90 -5.81
N LEU B 117 -11.93 -4.25 -5.94
CA LEU B 117 -12.36 -5.24 -6.91
C LEU B 117 -12.06 -4.78 -8.33
N ARG B 118 -12.35 -3.52 -8.61
CA ARG B 118 -12.07 -2.97 -9.94
C ARG B 118 -10.59 -3.06 -10.23
N ILE B 119 -9.77 -2.54 -9.32
CA ILE B 119 -8.32 -2.62 -9.45
C ILE B 119 -7.91 -4.07 -9.67
N ALA B 120 -8.45 -4.99 -8.88
CA ALA B 120 -8.04 -6.38 -8.97
C ALA B 120 -8.38 -6.99 -10.32
N LYS B 121 -9.61 -6.75 -10.80
CA LYS B 121 -10.03 -7.31 -12.09
C LYS B 121 -9.20 -6.71 -13.21
N LYS B 122 -8.78 -5.45 -13.07
CA LYS B 122 -7.96 -4.81 -14.09
C LYS B 122 -6.55 -5.36 -14.07
N LYS B 123 -6.01 -5.59 -12.87
CA LYS B 123 -4.67 -6.18 -12.78
C LYS B 123 -4.68 -7.60 -13.33
N ARG B 124 -5.73 -8.36 -13.02
CA ARG B 124 -5.89 -9.70 -13.56
C ARG B 124 -5.85 -9.68 -15.08
N TRP B 125 -6.67 -8.81 -15.69
CA TRP B 125 -6.73 -8.75 -17.15
C TRP B 125 -5.37 -8.36 -17.73
N ASN B 126 -4.70 -7.36 -17.14
CA ASN B 126 -3.40 -6.95 -17.67
C ASN B 126 -2.42 -8.11 -17.71
N SER B 127 -2.48 -9.00 -16.72
CA SER B 127 -1.59 -10.15 -16.71
C SER B 127 -1.94 -11.14 -17.82
N ILE B 128 -3.23 -11.35 -18.06
CA ILE B 128 -3.65 -12.21 -19.17
C ILE B 128 -3.12 -11.65 -20.49
N GLU B 129 -3.24 -10.35 -20.70
CA GLU B 129 -2.62 -9.73 -21.86
C GLU B 129 -1.15 -10.08 -21.96
N GLU B 130 -0.44 -10.03 -20.83
CA GLU B 130 0.98 -10.37 -20.78
C GLU B 130 1.16 -11.89 -20.80
C ACE C 1 4.52 13.08 1.95
O ACE C 1 4.25 13.35 0.81
CH3 ACE C 1 4.12 14.03 3.04
N LEU C 2 5.32 12.10 2.25
CA LEU C 2 5.92 11.28 1.25
C LEU C 2 4.86 10.51 0.50
N TRP C 3 3.91 10.00 1.07
CA TRP C 3 2.93 9.09 0.49
C TRP C 3 1.73 9.83 -0.09
N TRP C 4 1.90 11.09 -0.42
CA TRP C 4 0.82 11.89 -0.96
C TRP C 4 1.34 12.62 -2.18
N PRO C 5 0.47 12.97 -3.12
CA PRO C 5 0.92 13.72 -4.28
C PRO C 5 1.36 15.13 -3.90
N ASP C 6 2.16 15.73 -4.78
CA ASP C 6 2.57 17.14 -4.63
C ASP C 6 1.73 18.04 -5.52
C ACE D 1 -11.66 0.78 7.96
O ACE D 1 -11.02 0.12 8.71
CH3 ACE D 1 -12.28 2.10 8.36
N LEU D 2 -11.77 0.55 6.69
CA LEU D 2 -11.42 -0.71 6.20
C LEU D 2 -9.89 -0.87 6.22
N TRP D 3 -9.11 0.16 5.98
CA TRP D 3 -7.67 0.04 5.87
C TRP D 3 -6.97 0.39 7.17
N TRP D 4 -7.66 0.25 8.30
CA TRP D 4 -7.11 0.57 9.59
C TRP D 4 -7.39 -0.60 10.51
N PRO D 5 -6.59 -0.79 11.55
CA PRO D 5 -6.88 -1.88 12.49
C PRO D 5 -8.16 -1.61 13.25
N ASP D 6 -8.71 -2.66 13.81
CA ASP D 6 -9.90 -2.51 14.64
C ASP D 6 -9.47 -2.33 16.11
CL CL E . -3.39 6.56 1.13
NA NA F . 1.51 -3.68 -5.10
OH2 1PE G . -0.40 3.23 1.73
C12 1PE G . 0.62 4.01 1.20
C22 1PE G . 0.75 3.67 -0.27
OH3 1PE G . 1.10 2.32 -0.43
C13 1PE G . 0.29 0.53 -2.06
C23 1PE G . 0.05 1.68 -1.09
OH4 1PE G . -0.85 -0.29 -2.03
C14 1PE G . -3.33 -0.47 -2.10
C24 1PE G . -2.07 0.37 -2.28
OH5 1PE G . -4.49 0.35 -2.05
C15 1PE G . -5.70 2.10 -0.76
C25 1PE G . -4.63 1.03 -0.84
OH6 1PE G . -5.85 2.47 0.58
C16 1PE G . -4.14 3.36 2.05
C26 1PE G . -5.22 3.66 1.03
OH7 1PE G . -3.57 2.10 1.75
HO2 1PE G . -0.24 2.41 1.57
H121 1PE G . 0.40 4.96 1.29
H122 1PE G . 1.46 3.83 1.65
H221 1PE G . -0.10 3.82 -0.70
H222 1PE G . 1.43 4.23 -0.66
H131 1PE G . 0.43 0.88 -2.95
H132 1PE G . 1.07 0.02 -1.78
H231 1PE G . -0.54 1.34 -0.41
H232 1PE G . -0.41 2.36 -1.61
H141 1PE G . -3.41 -1.07 -2.85
H142 1PE G . -3.26 -0.97 -1.28
H241 1PE G . -2.13 1.13 -1.68
H242 1PE G . -2.05 0.68 -3.20
H151 1PE G . -5.45 2.86 -1.29
H152 1PE G . -6.55 1.74 -1.08
H251 1PE G . -4.82 0.38 -0.15
H252 1PE G . -3.79 1.47 -0.65
H161 1PE G . -4.52 3.33 2.93
H162 1PE G . -3.45 4.04 2.00
H261 1PE G . -5.89 4.23 1.43
H262 1PE G . -4.83 4.11 0.26
HO7 1PE G . -2.74 2.20 1.64
NA NA H . 3.30 -5.55 -0.99
OH2 1PE I . 0.48 5.42 4.79
C12 1PE I . 1.03 4.18 4.44
C22 1PE I . 2.57 4.25 4.40
OH3 1PE I . 3.15 2.97 4.46
C13 1PE I . 3.80 0.92 3.20
C23 1PE I . 3.08 2.26 3.27
OH4 1PE I . 3.26 0.32 2.05
C14 1PE I . 1.06 -0.62 1.34
C24 1PE I . 2.25 -0.62 2.29
OH5 1PE I . -0.10 -1.02 2.02
C15 1PE I . -2.25 -0.24 2.87
C25 1PE I . -1.36 -0.47 1.66
OH6 1PE I . -2.65 1.10 3.10
C16 1PE I . -2.25 2.71 4.95
C26 1PE I . -3.00 1.45 4.42
OH7 1PE I . -2.28 2.78 6.35
HO2 1PE I . -0.15 5.30 5.36
H121 1PE I . 0.70 3.93 3.57
H122 1PE I . 0.77 3.52 5.10
H221 1PE I . 2.89 4.78 5.16
H222 1PE I . 2.84 4.68 3.58
H131 1PE I . 4.75 1.04 3.11
H132 1PE I . 3.61 0.38 3.99
H231 1PE I . 3.46 2.82 2.58
H232 1PE I . 2.14 2.10 3.09
H141 1PE I . 1.24 -1.22 0.61
H142 1PE I . 0.93 0.28 0.98
H241 1PE I . 1.91 -0.45 3.19
H242 1PE I . 2.65 -1.50 2.27
H151 1PE I . -1.77 -0.55 3.66
H152 1PE I . -3.05 -0.78 2.76
H251 1PE I . -1.21 0.38 1.21
H252 1PE I . -1.80 -1.08 1.05
H161 1PE I . -1.34 2.67 4.65
H162 1PE I . -2.68 3.50 4.59
H261 1PE I . -2.79 0.71 5.01
H262 1PE I . -3.95 1.63 4.45
HO7 1PE I . -2.93 3.28 6.60
#